data_5HKF
#
_entry.id   5HKF
#
_cell.length_a   56.201
_cell.length_b   58.629
_cell.length_c   57.224
_cell.angle_alpha   90.00
_cell.angle_beta   116.86
_cell.angle_gamma   90.00
#
_symmetry.space_group_name_H-M   'P 1 21 1'
#
loop_
_entity.id
_entity.type
_entity.pdbx_description
1 polymer 'Orotate phosphoribosyltransferase'
2 non-polymer 1-O-pyrophosphono-5-O-phosphono-alpha-D-ribofuranose
3 water water
#
_entity_poly.entity_id   1
_entity_poly.type   'polypeptide(L)'
_entity_poly.pdbx_seq_one_letter_code
;HHHHHIEGRHMAGPDRAELAELVRRLSVVHGRVTLSSGREADYYVDLRRATLHHRASALIGRLMRELTADWDYSVVGGLT
LGADPVATAIMHAPGRPIDAFVVRKSAKAHGMQRLIEGSEVTGQRVLVVEDTSTTGNSALTAVHAVQDVGGEVVGVATVV
DRATGAAEAIEAEGLRYRSVLGLADLGLD
;
_entity_poly.pdbx_strand_id   A,B
#
loop_
_chem_comp.id
_chem_comp.type
_chem_comp.name
_chem_comp.formula
PRP D-saccharide 1-O-pyrophosphono-5-O-phosphono-alpha-D-ribofuranose 'C5 H13 O14 P3'
#
# COMPACT_ATOMS: atom_id res chain seq x y z
N PRO A 14 21.30 -13.87 -3.67
CA PRO A 14 21.81 -12.49 -3.54
C PRO A 14 20.71 -11.51 -3.14
N ASP A 15 19.66 -11.42 -3.94
CA ASP A 15 18.42 -10.72 -3.59
C ASP A 15 17.76 -11.30 -2.35
N ARG A 16 17.66 -12.62 -2.30
CA ARG A 16 17.03 -13.32 -1.20
C ARG A 16 17.84 -13.11 0.09
N ALA A 17 19.16 -13.15 -0.06
CA ALA A 17 20.04 -12.90 1.06
C ALA A 17 19.89 -11.45 1.54
N GLU A 18 19.82 -10.49 0.61
CA GLU A 18 19.66 -9.09 0.97
C GLU A 18 18.30 -8.92 1.64
N LEU A 19 17.27 -9.54 1.08
CA LEU A 19 15.96 -9.44 1.69
C LEU A 19 15.99 -9.99 3.11
N ALA A 20 16.57 -11.19 3.29
CA ALA A 20 16.60 -11.82 4.62
C ALA A 20 17.33 -10.98 5.61
N GLU A 21 18.43 -10.34 5.20
CA GLU A 21 19.17 -9.43 6.09
C GLU A 21 18.30 -8.25 6.51
N LEU A 22 17.59 -7.68 5.55
CA LEU A 22 16.74 -6.51 5.82
C LEU A 22 15.61 -6.89 6.76
N VAL A 23 14.96 -8.02 6.51
CA VAL A 23 13.96 -8.52 7.47
C VAL A 23 14.48 -8.78 8.91
N ARG A 24 15.62 -9.46 9.08
CA ARG A 24 16.16 -9.61 10.44
C ARG A 24 16.40 -8.23 11.01
N ARG A 25 16.91 -7.35 10.18
CA ARG A 25 17.37 -6.07 10.69
C ARG A 25 16.16 -5.19 11.04
N LEU A 26 15.25 -5.06 10.10
CA LEU A 26 14.08 -4.18 10.23
C LEU A 26 12.94 -4.73 11.13
N SER A 27 12.72 -6.04 11.05
CA SER A 27 11.50 -6.67 11.57
C SER A 27 11.60 -7.61 12.73
N VAL A 28 12.80 -8.06 13.10
CA VAL A 28 12.94 -8.90 14.32
C VAL A 28 13.36 -8.00 15.48
N VAL A 29 12.39 -7.43 16.19
CA VAL A 29 12.67 -6.35 17.16
C VAL A 29 12.71 -6.84 18.61
N ARG A 32 12.80 -7.30 25.75
CA ARG A 32 11.93 -8.41 26.14
C ARG A 32 10.47 -7.98 26.20
N VAL A 33 9.60 -8.84 25.67
CA VAL A 33 8.26 -8.41 25.29
C VAL A 33 7.13 -9.30 25.85
N THR A 34 6.14 -8.62 26.41
CA THR A 34 4.88 -9.23 26.79
C THR A 34 4.02 -9.22 25.53
N LEU A 35 3.64 -10.40 25.04
CA LEU A 35 2.91 -10.45 23.78
C LEU A 35 1.44 -10.14 23.96
N SER A 36 0.73 -10.21 22.83
CA SER A 36 -0.72 -10.32 22.77
C SER A 36 -1.19 -11.44 23.69
N SER A 37 -0.58 -12.62 23.52
CA SER A 37 -0.76 -13.83 24.36
C SER A 37 -0.94 -13.60 25.87
N GLY A 38 -0.06 -12.78 26.43
CA GLY A 38 0.24 -12.79 27.87
C GLY A 38 1.50 -13.62 28.14
N ARG A 39 2.08 -14.17 27.08
CA ARG A 39 3.27 -15.01 27.16
C ARG A 39 4.55 -14.17 26.97
N GLU A 40 5.69 -14.81 27.28
CA GLU A 40 7.00 -14.65 26.58
C GLU A 40 7.26 -13.30 25.93
N TYR A 43 11.92 -10.74 21.80
CA TYR A 43 11.67 -10.38 20.41
C TYR A 43 10.23 -10.60 19.92
N TYR A 44 9.81 -9.81 18.95
CA TYR A 44 8.62 -10.09 18.16
C TYR A 44 8.90 -9.67 16.70
N VAL A 45 8.10 -10.15 15.77
CA VAL A 45 8.30 -9.91 14.35
C VAL A 45 7.31 -8.83 13.89
N ASP A 46 7.83 -7.71 13.38
CA ASP A 46 7.00 -6.67 12.80
C ASP A 46 7.34 -6.54 11.33
N LEU A 47 6.69 -7.37 10.54
CA LEU A 47 6.87 -7.40 9.12
C LEU A 47 6.58 -6.10 8.35
N ARG A 48 5.79 -5.20 8.93
CA ARG A 48 5.39 -4.01 8.21
C ARG A 48 6.54 -3.06 8.12
N ARG A 49 7.52 -3.19 9.01
CA ARG A 49 8.72 -2.37 8.92
C ARG A 49 9.48 -2.63 7.63
N ALA A 50 9.27 -3.81 7.02
CA ALA A 50 9.98 -4.18 5.82
C ALA A 50 9.12 -4.03 4.57
N THR A 51 7.81 -4.32 4.69
CA THR A 51 6.89 -4.25 3.57
C THR A 51 6.60 -2.82 3.18
N LEU A 52 6.96 -1.91 4.07
CA LEU A 52 6.76 -0.47 3.84
C LEU A 52 8.10 0.28 3.75
N HIS A 53 9.17 -0.49 3.52
CA HIS A 53 10.52 0.02 3.40
C HIS A 53 10.89 0.01 1.94
N HIS A 54 11.48 1.09 1.44
CA HIS A 54 11.66 1.26 0.02
C HIS A 54 12.38 0.06 -0.66
N ARG A 55 13.40 -0.46 -0.01
CA ARG A 55 14.25 -1.50 -0.62
C ARG A 55 13.73 -2.89 -0.37
N ALA A 56 13.46 -3.22 0.87
CA ALA A 56 12.85 -4.49 1.20
C ALA A 56 11.58 -4.72 0.38
N SER A 57 10.75 -3.69 0.25
CA SER A 57 9.46 -3.85 -0.45
C SER A 57 9.69 -4.14 -1.94
N ALA A 58 10.72 -3.52 -2.52
CA ALA A 58 11.05 -3.80 -3.94
C ALA A 58 11.57 -5.26 -4.17
N LEU A 59 12.45 -5.70 -3.30
CA LEU A 59 12.88 -7.07 -3.24
C LEU A 59 11.72 -8.02 -3.01
N ILE A 60 10.78 -7.65 -2.14
CA ILE A 60 9.60 -8.50 -1.88
C ILE A 60 8.80 -8.65 -3.15
N GLY A 61 8.46 -7.54 -3.80
CA GLY A 61 7.77 -7.56 -5.06
C GLY A 61 8.46 -8.46 -6.10
N ARG A 62 9.77 -8.30 -6.24
CA ARG A 62 10.54 -9.06 -7.24
C ARG A 62 10.65 -10.56 -6.88
N LEU A 63 10.89 -10.88 -5.61
CA LEU A 63 10.99 -12.29 -5.21
C LEU A 63 9.66 -13.04 -5.20
N MET A 64 8.58 -12.34 -4.87
CA MET A 64 7.26 -12.94 -4.86
C MET A 64 6.78 -13.28 -6.29
N ARG A 65 7.17 -12.48 -7.26
CA ARG A 65 6.87 -12.72 -8.68
C ARG A 65 7.57 -13.99 -9.15
N GLU A 66 8.88 -14.04 -8.93
CA GLU A 66 9.67 -15.23 -9.20
C GLU A 66 9.14 -16.50 -8.51
N LEU A 67 8.79 -16.35 -7.23
CA LEU A 67 8.16 -17.41 -6.43
C LEU A 67 6.88 -17.98 -7.02
N THR A 68 6.10 -17.17 -7.70
CA THR A 68 4.81 -17.62 -8.20
C THR A 68 4.73 -17.55 -9.74
N ALA A 69 5.88 -17.52 -10.41
CA ALA A 69 5.95 -17.37 -11.87
C ALA A 69 5.17 -18.45 -12.63
N ASP A 70 5.17 -19.66 -12.11
CA ASP A 70 4.48 -20.76 -12.75
C ASP A 70 2.97 -20.70 -12.54
N TRP A 71 2.46 -19.74 -11.79
CA TRP A 71 1.02 -19.66 -11.57
C TRP A 71 0.39 -18.58 -12.45
N ASP A 72 -0.92 -18.65 -12.58
CA ASP A 72 -1.64 -17.89 -13.58
C ASP A 72 -2.63 -17.05 -12.85
N TYR A 73 -2.38 -15.76 -12.84
CA TYR A 73 -3.22 -14.83 -12.11
C TYR A 73 -2.94 -13.42 -12.62
N SER A 74 -3.95 -12.62 -12.53
CA SER A 74 -3.94 -11.28 -13.12
C SER A 74 -4.08 -10.24 -12.03
N VAL A 75 -4.41 -10.68 -10.82
CA VAL A 75 -4.86 -9.81 -9.73
C VAL A 75 -4.41 -10.42 -8.35
N VAL A 76 -3.88 -9.56 -7.46
CA VAL A 76 -3.18 -9.97 -6.22
C VAL A 76 -3.64 -9.11 -5.06
N GLY A 77 -3.79 -9.73 -3.90
CA GLY A 77 -4.28 -8.99 -2.77
C GLY A 77 -4.52 -9.81 -1.57
N GLY A 78 -4.98 -9.22 -0.48
CA GLY A 78 -5.26 -10.03 0.72
C GLY A 78 -5.95 -9.21 1.76
N LEU A 79 -5.87 -9.67 3.02
CA LEU A 79 -6.60 -9.06 4.11
C LEU A 79 -5.87 -7.84 4.62
N THR A 80 -6.57 -6.72 4.69
CA THR A 80 -6.00 -5.52 5.18
C THR A 80 -5.69 -5.83 6.63
N LEU A 81 -4.54 -5.43 7.16
CA LEU A 81 -3.59 -4.48 6.58
C LEU A 81 -2.28 -5.10 6.06
N GLY A 82 -1.84 -6.19 6.70
CA GLY A 82 -0.55 -6.79 6.37
C GLY A 82 -0.28 -7.14 4.93
N ALA A 83 -1.34 -7.61 4.27
CA ALA A 83 -1.26 -8.06 2.89
C ALA A 83 -1.13 -6.90 1.87
N ASP A 84 -1.75 -5.77 2.16
CA ASP A 84 -1.82 -4.66 1.24
C ASP A 84 -0.43 -4.21 0.59
N PRO A 85 0.59 -3.85 1.37
CA PRO A 85 1.91 -3.45 0.78
C PRO A 85 2.67 -4.59 0.09
N VAL A 86 2.33 -5.82 0.44
CA VAL A 86 2.86 -6.98 -0.30
C VAL A 86 2.26 -7.05 -1.72
N ALA A 87 0.96 -6.85 -1.79
CA ALA A 87 0.21 -6.84 -3.04
C ALA A 87 0.64 -5.69 -3.93
N THR A 88 0.69 -4.48 -3.37
CA THR A 88 1.11 -3.39 -4.21
C THR A 88 2.58 -3.50 -4.59
N ALA A 89 3.40 -4.17 -3.78
CA ALA A 89 4.81 -4.34 -4.12
C ALA A 89 4.99 -5.25 -5.32
N ILE A 90 4.15 -6.29 -5.38
CA ILE A 90 4.07 -7.20 -6.53
C ILE A 90 3.51 -6.44 -7.75
N MET A 91 2.43 -5.70 -7.61
CA MET A 91 1.93 -4.90 -8.74
C MET A 91 2.96 -3.95 -9.38
N HIS A 92 3.71 -3.23 -8.55
CA HIS A 92 4.76 -2.30 -8.97
C HIS A 92 6.09 -2.87 -9.38
N ALA A 93 6.45 -4.06 -8.94
CA ALA A 93 7.76 -4.56 -9.26
C ALA A 93 7.79 -4.81 -10.76
N PRO A 94 8.95 -4.60 -11.42
CA PRO A 94 9.01 -4.87 -12.87
C PRO A 94 8.44 -6.23 -13.29
N GLY A 95 7.81 -6.28 -14.45
CA GLY A 95 7.31 -7.52 -15.01
C GLY A 95 5.96 -7.30 -15.62
N ARG A 96 5.31 -8.39 -16.00
CA ARG A 96 3.99 -8.40 -16.62
C ARG A 96 2.94 -7.74 -15.74
N PRO A 97 1.86 -7.19 -16.32
CA PRO A 97 0.84 -6.52 -15.51
C PRO A 97 0.00 -7.40 -14.58
N ILE A 98 0.01 -7.04 -13.31
CA ILE A 98 -0.81 -7.66 -12.27
C ILE A 98 -1.43 -6.56 -11.44
N ASP A 99 -2.76 -6.50 -11.36
CA ASP A 99 -3.47 -5.48 -10.55
C ASP A 99 -3.68 -5.93 -9.10
N ALA A 100 -4.24 -5.07 -8.24
CA ALA A 100 -4.25 -5.33 -6.83
C ALA A 100 -5.62 -5.12 -6.23
N PHE A 101 -5.86 -5.73 -5.08
CA PHE A 101 -7.07 -5.47 -4.31
C PHE A 101 -6.79 -5.57 -2.83
N VAL A 102 -7.79 -5.17 -2.07
CA VAL A 102 -7.75 -5.24 -0.64
C VAL A 102 -9.08 -5.75 -0.05
N VAL A 103 -8.97 -6.72 0.86
CA VAL A 103 -10.11 -7.15 1.64
C VAL A 103 -10.22 -6.42 2.98
N ARG A 104 -11.35 -5.71 3.13
CA ARG A 104 -11.70 -5.03 4.38
C ARG A 104 -12.21 -6.09 5.34
N LYS A 105 -12.62 -5.67 6.54
CA LYS A 105 -13.08 -6.59 7.59
C LYS A 105 -14.57 -6.43 7.96
N LEU A 115 -16.84 -5.25 1.04
CA LEU A 115 -15.73 -6.10 1.58
C LEU A 115 -14.45 -6.15 0.69
N ILE A 116 -14.60 -6.22 -0.64
CA ILE A 116 -13.44 -6.11 -1.54
C ILE A 116 -13.29 -4.69 -2.14
N GLU A 117 -12.06 -4.18 -2.23
CA GLU A 117 -11.78 -2.87 -2.82
C GLU A 117 -10.65 -2.96 -3.83
N GLY A 118 -10.64 -2.03 -4.77
CA GLY A 118 -9.56 -2.01 -5.74
C GLY A 118 -10.01 -2.71 -7.00
N SER A 119 -9.13 -3.49 -7.62
CA SER A 119 -9.48 -4.11 -8.88
C SER A 119 -10.52 -5.22 -8.70
N GLU A 120 -11.21 -5.55 -9.78
CA GLU A 120 -12.24 -6.59 -9.78
C GLU A 120 -11.56 -7.95 -9.74
N VAL A 121 -11.96 -8.75 -8.75
CA VAL A 121 -11.59 -10.17 -8.66
C VAL A 121 -12.72 -11.09 -9.14
N THR A 122 -13.97 -10.59 -9.20
CA THR A 122 -15.13 -11.36 -9.71
C THR A 122 -14.88 -11.90 -11.12
N GLY A 123 -14.97 -13.23 -11.27
CA GLY A 123 -14.67 -13.88 -12.54
C GLY A 123 -13.20 -14.08 -12.84
N GLN A 124 -12.33 -13.82 -11.85
CA GLN A 124 -10.88 -13.73 -12.04
C GLN A 124 -10.07 -14.80 -11.33
N ARG A 125 -8.87 -15.03 -11.87
CA ARG A 125 -7.78 -15.74 -11.20
C ARG A 125 -6.96 -14.80 -10.31
N VAL A 126 -6.94 -15.17 -9.03
CA VAL A 126 -6.46 -14.33 -7.94
C VAL A 126 -5.34 -14.97 -7.13
N LEU A 127 -4.28 -14.24 -6.85
CA LEU A 127 -3.26 -14.68 -5.93
C LEU A 127 -3.57 -14.03 -4.59
N VAL A 128 -3.70 -14.86 -3.54
CA VAL A 128 -3.86 -14.31 -2.22
C VAL A 128 -2.47 -14.20 -1.55
N VAL A 129 -2.19 -13.05 -0.99
CA VAL A 129 -0.94 -12.84 -0.27
C VAL A 129 -1.14 -12.45 1.17
N GLU A 130 -0.10 -12.71 1.96
CA GLU A 130 -0.01 -12.27 3.36
C GLU A 130 1.44 -11.89 3.59
N ASP A 131 1.70 -11.01 4.55
CA ASP A 131 3.07 -10.70 4.89
C ASP A 131 3.67 -11.89 5.69
N THR A 132 3.04 -12.26 6.81
CA THR A 132 3.35 -13.55 7.50
C THR A 132 2.11 -14.12 8.19
N SER A 133 1.82 -15.40 8.00
CA SER A 133 0.66 -16.04 8.61
C SER A 133 1.09 -16.74 9.89
N THR A 134 0.22 -16.72 10.92
CA THR A 134 0.34 -17.58 12.10
C THR A 134 -0.59 -18.80 11.97
N THR A 135 -1.91 -18.59 12.01
CA THR A 135 -2.90 -19.65 11.88
C THR A 135 -3.30 -19.90 10.42
N GLY A 136 -3.29 -18.85 9.62
CA GLY A 136 -3.73 -18.90 8.27
C GLY A 136 -5.13 -18.34 8.20
N ASN A 137 -5.74 -18.07 9.35
CA ASN A 137 -7.09 -17.53 9.39
C ASN A 137 -7.19 -16.29 8.49
N SER A 138 -6.28 -15.34 8.66
CA SER A 138 -6.37 -14.09 7.90
C SER A 138 -6.35 -14.35 6.42
N ALA A 139 -5.33 -15.04 5.93
CA ALA A 139 -5.25 -15.38 4.50
C ALA A 139 -6.49 -16.18 4.06
N LEU A 140 -7.00 -17.08 4.91
CA LEU A 140 -8.22 -17.83 4.61
C LEU A 140 -9.47 -16.93 4.55
N THR A 141 -9.65 -16.10 5.57
CA THR A 141 -10.70 -15.08 5.57
C THR A 141 -10.69 -14.36 4.21
N ALA A 142 -9.48 -14.06 3.74
CA ALA A 142 -9.26 -13.43 2.45
C ALA A 142 -9.63 -14.33 1.27
N VAL A 143 -9.17 -15.59 1.28
CA VAL A 143 -9.59 -16.58 0.24
C VAL A 143 -11.12 -16.75 0.18
N HIS A 144 -11.79 -16.82 1.33
CA HIS A 144 -13.24 -17.00 1.36
C HIS A 144 -13.95 -15.72 1.01
N ALA A 145 -13.42 -14.56 1.43
CA ALA A 145 -14.06 -13.31 1.00
C ALA A 145 -13.99 -13.14 -0.55
N VAL A 146 -12.89 -13.59 -1.16
CA VAL A 146 -12.73 -13.58 -2.63
C VAL A 146 -13.69 -14.58 -3.19
N GLN A 147 -13.76 -15.77 -2.59
CA GLN A 147 -14.62 -16.82 -3.11
C GLN A 147 -16.09 -16.40 -3.04
N ASP A 148 -16.52 -15.92 -1.89
CA ASP A 148 -17.89 -15.45 -1.72
C ASP A 148 -18.34 -14.35 -2.70
N VAL A 149 -17.40 -13.75 -3.45
CA VAL A 149 -17.71 -12.84 -4.58
C VAL A 149 -17.08 -13.25 -5.93
N GLY A 150 -16.76 -14.53 -6.08
CA GLY A 150 -16.61 -15.07 -7.42
C GLY A 150 -15.26 -15.15 -8.02
N GLY A 151 -14.24 -14.76 -7.25
CA GLY A 151 -12.86 -14.97 -7.64
C GLY A 151 -12.43 -16.41 -7.41
N GLU A 152 -11.53 -16.87 -8.26
CA GLU A 152 -10.92 -18.15 -8.19
C GLU A 152 -9.45 -18.02 -7.69
N VAL A 153 -9.19 -18.52 -6.49
CA VAL A 153 -7.87 -18.41 -5.90
C VAL A 153 -6.90 -19.53 -6.35
N VAL A 154 -5.69 -19.16 -6.77
CA VAL A 154 -4.77 -20.06 -7.44
C VAL A 154 -3.67 -20.63 -6.54
N GLY A 155 -3.64 -20.15 -5.31
CA GLY A 155 -2.51 -20.35 -4.42
C GLY A 155 -2.41 -19.22 -3.41
N VAL A 156 -1.63 -19.46 -2.35
CA VAL A 156 -1.32 -18.44 -1.34
C VAL A 156 0.18 -18.32 -1.20
N ALA A 157 0.68 -17.09 -1.15
CA ALA A 157 2.11 -16.81 -1.03
C ALA A 157 2.36 -15.82 0.04
N THR A 158 3.35 -16.09 0.89
CA THR A 158 3.72 -15.15 1.96
C THR A 158 5.19 -14.79 1.89
N VAL A 159 5.53 -13.70 2.56
CA VAL A 159 6.90 -13.20 2.63
C VAL A 159 7.69 -14.08 3.59
N VAL A 160 7.14 -14.33 4.77
CA VAL A 160 7.86 -15.13 5.75
C VAL A 160 6.92 -16.19 6.30
N ASP A 161 7.35 -17.45 6.16
CA ASP A 161 6.72 -18.56 6.88
C ASP A 161 7.43 -18.77 8.22
N ARG A 162 6.65 -19.06 9.24
CA ARG A 162 7.18 -19.16 10.56
C ARG A 162 6.94 -20.56 11.15
N ALA A 163 6.59 -21.52 10.33
CA ALA A 163 6.39 -22.91 10.80
C ALA A 163 5.38 -23.03 11.98
N THR A 164 4.20 -22.47 11.78
CA THR A 164 3.20 -22.34 12.81
C THR A 164 1.93 -23.08 12.49
N GLY A 165 1.85 -23.77 11.37
CA GLY A 165 0.61 -24.43 11.03
C GLY A 165 -0.21 -23.80 9.92
N ALA A 166 0.09 -22.55 9.57
CA ALA A 166 -0.59 -21.87 8.47
C ALA A 166 -0.45 -22.64 7.18
N ALA A 167 0.77 -23.11 6.90
CA ALA A 167 0.95 -23.90 5.69
C ALA A 167 -0.09 -25.01 5.63
N GLU A 168 -0.34 -25.65 6.76
CA GLU A 168 -1.10 -26.87 6.80
C GLU A 168 -2.54 -26.53 6.68
N ALA A 169 -2.94 -25.47 7.37
CA ALA A 169 -4.33 -25.01 7.34
C ALA A 169 -4.73 -24.60 5.94
N ILE A 170 -3.80 -23.96 5.22
CA ILE A 170 -4.05 -23.54 3.85
C ILE A 170 -4.15 -24.73 2.92
N GLU A 171 -3.26 -25.71 3.05
CA GLU A 171 -3.28 -26.85 2.14
C GLU A 171 -4.52 -27.72 2.40
N ALA A 172 -5.05 -27.67 3.61
CA ALA A 172 -6.30 -28.34 3.91
C ALA A 172 -7.55 -27.76 3.20
N GLU A 173 -7.37 -26.79 2.30
CA GLU A 173 -8.49 -26.35 1.45
C GLU A 173 -8.18 -26.48 -0.04
N GLY A 174 -7.18 -27.28 -0.38
CA GLY A 174 -6.85 -27.55 -1.74
C GLY A 174 -5.92 -26.54 -2.36
N LEU A 175 -5.38 -25.62 -1.56
CA LEU A 175 -4.58 -24.52 -2.11
C LEU A 175 -3.11 -24.72 -1.94
N ARG A 176 -2.33 -24.35 -2.94
CA ARG A 176 -0.88 -24.37 -2.80
C ARG A 176 -0.43 -23.20 -1.90
N TYR A 177 0.55 -23.47 -1.02
CA TYR A 177 1.13 -22.48 -0.15
C TYR A 177 2.67 -22.38 -0.34
N ARG A 178 3.18 -21.16 -0.47
CA ARG A 178 4.60 -20.92 -0.69
C ARG A 178 5.00 -19.66 0.03
N SER A 179 6.28 -19.58 0.36
CA SER A 179 6.77 -18.41 1.04
C SER A 179 8.14 -18.11 0.54
N VAL A 180 8.56 -16.86 0.66
CA VAL A 180 9.87 -16.43 0.16
C VAL A 180 10.90 -16.89 1.14
N LEU A 181 10.71 -16.51 2.40
CA LEU A 181 11.62 -16.86 3.47
C LEU A 181 10.95 -17.80 4.44
N GLY A 182 11.76 -18.57 5.17
CA GLY A 182 11.24 -19.50 6.19
C GLY A 182 11.74 -19.04 7.52
N LEU A 183 11.50 -19.84 8.54
CA LEU A 183 11.85 -19.49 9.92
C LEU A 183 13.37 -19.44 10.14
N ALA A 184 14.12 -20.23 9.36
CA ALA A 184 15.58 -20.26 9.46
C ALA A 184 16.18 -18.87 9.16
N ASP A 185 15.66 -18.25 8.11
CA ASP A 185 16.11 -16.93 7.65
C ASP A 185 15.98 -15.84 8.68
N LEU A 186 15.15 -16.06 9.69
CA LEU A 186 14.95 -15.05 10.76
C LEU A 186 16.04 -15.09 11.79
N GLY A 187 16.91 -16.10 11.74
CA GLY A 187 18.05 -16.19 12.66
C GLY A 187 17.68 -16.19 14.15
N LEU A 188 16.65 -16.95 14.52
CA LEU A 188 16.14 -16.92 15.91
C LEU A 188 16.86 -17.85 16.91
N HIS B 1 -19.65 24.10 -6.24
CA HIS B 1 -18.20 23.65 -6.10
C HIS B 1 -17.28 24.75 -5.62
N HIS B 2 -16.33 24.40 -4.75
CA HIS B 2 -15.35 25.34 -4.21
C HIS B 2 -13.99 25.01 -4.88
N HIS B 3 -13.85 25.53 -6.10
CA HIS B 3 -12.72 25.27 -6.96
C HIS B 3 -11.46 25.72 -6.28
N HIS B 4 -10.50 24.81 -6.15
CA HIS B 4 -9.20 25.10 -5.59
C HIS B 4 -8.16 24.88 -6.66
N HIS B 5 -7.07 25.59 -6.52
CA HIS B 5 -5.96 25.46 -7.43
C HIS B 5 -5.44 24.01 -7.52
N ILE B 6 -5.27 23.54 -8.74
CA ILE B 6 -4.68 22.24 -9.07
C ILE B 6 -3.24 22.43 -9.57
N GLU B 7 -2.29 22.36 -8.66
CA GLU B 7 -0.87 22.55 -9.03
C GLU B 7 -0.37 21.55 -10.14
N GLY B 8 -0.98 20.36 -10.22
CA GLY B 8 -0.70 19.39 -11.27
C GLY B 8 -0.95 19.88 -12.69
N ARG B 9 -1.69 20.96 -12.86
CA ARG B 9 -1.83 21.62 -14.15
C ARG B 9 -0.48 21.98 -14.76
N HIS B 10 0.48 22.40 -13.95
CA HIS B 10 1.75 22.92 -14.49
C HIS B 10 2.67 21.82 -15.02
N MET B 11 2.45 20.58 -14.57
CA MET B 11 3.24 19.46 -15.04
C MET B 11 2.45 18.73 -16.09
N ALA B 12 2.01 19.44 -17.12
CA ALA B 12 1.32 18.79 -18.23
C ALA B 12 2.33 18.11 -19.17
N GLY B 13 1.90 17.02 -19.79
CA GLY B 13 2.76 16.12 -20.54
C GLY B 13 1.96 14.85 -20.80
N PRO B 14 2.61 13.79 -21.31
CA PRO B 14 1.89 12.55 -21.59
C PRO B 14 1.44 11.80 -20.33
N ASP B 15 2.27 11.79 -19.29
CA ASP B 15 1.93 11.02 -18.09
C ASP B 15 0.65 11.54 -17.43
N ARG B 16 0.45 12.85 -17.39
CA ARG B 16 -0.73 13.39 -16.71
C ARG B 16 -2.01 13.12 -17.46
N ALA B 17 -1.93 13.14 -18.77
CA ALA B 17 -3.11 12.97 -19.60
C ALA B 17 -3.49 11.50 -19.68
N GLU B 18 -2.48 10.64 -19.74
CA GLU B 18 -2.73 9.20 -19.62
C GLU B 18 -3.41 8.83 -18.30
N LEU B 19 -2.91 9.38 -17.19
CA LEU B 19 -3.49 9.06 -15.88
C LEU B 19 -4.93 9.59 -15.79
N ALA B 20 -5.17 10.80 -16.29
CA ALA B 20 -6.52 11.36 -16.29
C ALA B 20 -7.47 10.47 -17.08
N GLU B 21 -7.01 9.99 -18.22
CA GLU B 21 -7.71 8.94 -18.99
C GLU B 21 -8.07 7.77 -18.10
N LEU B 22 -7.03 7.15 -17.54
CA LEU B 22 -7.22 5.94 -16.71
C LEU B 22 -8.20 6.19 -15.57
N VAL B 23 -8.20 7.37 -14.99
CA VAL B 23 -9.08 7.64 -13.85
C VAL B 23 -10.52 7.81 -14.30
N ARG B 24 -10.71 8.39 -15.49
CA ARG B 24 -12.05 8.47 -16.09
C ARG B 24 -12.58 7.06 -16.40
N ARG B 25 -11.77 6.26 -17.08
CA ARG B 25 -12.12 4.86 -17.41
C ARG B 25 -12.41 4.00 -16.17
N LEU B 26 -11.44 3.90 -15.26
CA LEU B 26 -11.51 2.96 -14.14
C LEU B 26 -12.39 3.42 -13.00
N SER B 27 -12.53 4.74 -12.81
CA SER B 27 -13.07 5.27 -11.52
C SER B 27 -14.34 6.09 -11.59
N VAL B 28 -14.78 6.49 -12.78
CA VAL B 28 -15.96 7.38 -12.89
C VAL B 28 -17.20 6.62 -13.39
N TYR B 44 -20.17 9.29 -9.12
CA TYR B 44 -19.97 7.98 -9.79
C TYR B 44 -18.50 7.56 -9.73
N VAL B 45 -17.85 7.84 -8.58
CA VAL B 45 -16.37 7.91 -8.45
C VAL B 45 -15.68 6.91 -7.47
N ASP B 46 -15.08 5.86 -8.01
CA ASP B 46 -14.27 4.90 -7.21
C ASP B 46 -12.75 5.02 -7.54
N LEU B 47 -12.05 5.83 -6.76
CA LEU B 47 -10.61 6.01 -6.96
C LEU B 47 -9.77 4.74 -6.73
N ARG B 48 -10.22 3.83 -5.88
CA ARG B 48 -9.42 2.65 -5.58
C ARG B 48 -9.14 1.85 -6.82
N ARG B 49 -10.02 1.93 -7.82
CA ARG B 49 -9.83 1.20 -9.08
C ARG B 49 -8.61 1.70 -9.82
N ALA B 50 -8.28 2.97 -9.65
CA ALA B 50 -7.08 3.51 -10.28
C ALA B 50 -5.84 3.29 -9.40
N THR B 51 -6.02 3.45 -8.09
CA THR B 51 -4.87 3.44 -7.17
C THR B 51 -4.32 2.04 -7.05
N LEU B 52 -5.20 1.04 -7.18
CA LEU B 52 -4.78 -0.34 -7.18
C LEU B 52 -4.68 -0.97 -8.57
N HIS B 53 -4.48 -0.14 -9.59
CA HIS B 53 -4.30 -0.55 -10.97
C HIS B 53 -2.86 -0.36 -11.33
N HIS B 54 -2.32 -1.27 -12.13
CA HIS B 54 -0.88 -1.37 -12.32
C HIS B 54 -0.30 -0.17 -13.00
N ARG B 55 -1.01 0.36 -13.98
CA ARG B 55 -0.47 1.47 -14.78
C ARG B 55 -0.79 2.80 -14.15
N ALA B 56 -2.00 2.93 -13.63
CA ALA B 56 -2.45 4.19 -13.11
C ALA B 56 -1.64 4.42 -11.87
N SER B 57 -1.41 3.36 -11.06
CA SER B 57 -0.66 3.46 -9.79
C SER B 57 0.77 3.86 -10.04
N ALA B 58 1.37 3.30 -11.09
CA ALA B 58 2.75 3.64 -11.45
C ALA B 58 2.88 5.10 -11.92
N LEU B 59 1.87 5.61 -12.58
CA LEU B 59 1.89 7.00 -13.04
C LEU B 59 1.63 7.89 -11.83
N ILE B 60 0.79 7.40 -10.90
CA ILE B 60 0.49 8.14 -9.70
C ILE B 60 1.76 8.35 -8.92
N GLY B 61 2.58 7.31 -8.80
CA GLY B 61 3.83 7.39 -8.10
C GLY B 61 4.79 8.42 -8.67
N ARG B 62 4.91 8.39 -10.00
CA ARG B 62 5.80 9.24 -10.77
C ARG B 62 5.41 10.69 -10.63
N LEU B 63 4.12 10.93 -10.84
CA LEU B 63 3.57 12.28 -10.80
C LEU B 63 3.48 12.93 -9.43
N MET B 64 3.14 12.16 -8.41
CA MET B 64 3.07 12.69 -7.05
C MET B 64 4.49 13.04 -6.56
N ARG B 65 5.48 12.24 -6.97
CA ARG B 65 6.90 12.61 -6.73
C ARG B 65 7.21 13.96 -7.42
N GLU B 66 6.81 14.08 -8.67
CA GLU B 66 7.03 15.33 -9.42
C GLU B 66 6.27 16.49 -8.74
N LEU B 67 5.03 16.24 -8.33
CA LEU B 67 4.17 17.30 -7.81
C LEU B 67 4.79 17.89 -6.57
N THR B 68 5.52 17.04 -5.86
CA THR B 68 6.08 17.39 -4.56
C THR B 68 7.63 17.43 -4.55
N ALA B 69 8.26 17.77 -5.66
CA ALA B 69 9.74 17.64 -5.81
C ALA B 69 10.48 18.68 -5.03
N ASP B 70 9.91 19.89 -4.97
CA ASP B 70 10.48 20.94 -4.15
C ASP B 70 10.18 20.79 -2.65
N TRP B 71 9.52 19.71 -2.25
CA TRP B 71 9.30 19.50 -0.82
C TRP B 71 10.27 18.51 -0.21
N ASP B 72 10.71 18.79 1.02
CA ASP B 72 11.67 17.96 1.70
C ASP B 72 11.01 16.96 2.63
N TYR B 73 11.06 15.67 2.27
CA TYR B 73 10.53 14.63 3.16
C TYR B 73 11.20 13.29 2.91
N SER B 74 11.25 12.46 3.93
CA SER B 74 11.85 11.16 3.79
C SER B 74 10.89 10.00 3.96
N VAL B 75 9.63 10.29 4.29
CA VAL B 75 8.63 9.24 4.52
C VAL B 75 7.25 9.74 4.01
N VAL B 76 6.43 8.81 3.52
CA VAL B 76 5.18 9.17 2.85
C VAL B 76 4.12 8.18 3.27
N GLY B 77 2.92 8.71 3.47
CA GLY B 77 1.81 7.86 3.98
C GLY B 77 0.62 8.68 4.38
N GLY B 78 -0.48 7.97 4.72
CA GLY B 78 -1.71 8.58 5.19
C GLY B 78 -2.63 7.59 5.90
N LEU B 79 -3.90 7.98 6.04
CA LEU B 79 -4.92 7.16 6.70
C LEU B 79 -5.39 5.98 5.84
N THR B 80 -5.23 4.79 6.37
CA THR B 80 -5.73 3.60 5.73
C THR B 80 -7.27 3.81 5.55
N LEU B 81 -7.85 3.41 4.44
CA LEU B 81 -7.26 2.62 3.37
C LEU B 81 -6.78 3.49 2.19
N GLY B 82 -7.44 4.63 1.97
CA GLY B 82 -7.30 5.43 0.77
C GLY B 82 -5.86 5.81 0.46
N ALA B 83 -5.15 6.20 1.49
CA ALA B 83 -3.80 6.66 1.33
C ALA B 83 -2.81 5.60 0.87
N ASP B 84 -3.04 4.35 1.27
CA ASP B 84 -1.98 3.34 1.25
C ASP B 84 -1.41 3.03 -0.14
N PRO B 85 -2.29 2.80 -1.12
CA PRO B 85 -1.73 2.48 -2.42
C PRO B 85 -1.09 3.67 -3.10
N VAL B 86 -1.50 4.88 -2.74
CA VAL B 86 -0.84 6.13 -3.20
C VAL B 86 0.56 6.23 -2.59
N ALA B 87 0.70 5.94 -1.29
CA ALA B 87 2.00 5.96 -0.61
C ALA B 87 2.99 4.93 -1.14
N THR B 88 2.53 3.70 -1.27
CA THR B 88 3.41 2.65 -1.78
C THR B 88 3.79 2.93 -3.22
N ALA B 89 2.89 3.57 -3.98
CA ALA B 89 3.17 3.92 -5.39
C ALA B 89 4.30 4.94 -5.42
N ILE B 90 4.25 5.91 -4.53
CA ILE B 90 5.32 6.86 -4.41
C ILE B 90 6.63 6.16 -3.99
N MET B 91 6.54 5.28 -3.00
CA MET B 91 7.73 4.64 -2.51
C MET B 91 8.43 3.83 -3.61
N HIS B 92 7.65 3.12 -4.42
CA HIS B 92 8.18 2.26 -5.50
C HIS B 92 8.61 2.96 -6.79
N ALA B 93 8.13 4.18 -7.05
CA ALA B 93 8.52 4.87 -8.27
C ALA B 93 10.02 5.23 -8.27
N PRO B 94 10.61 5.39 -9.48
CA PRO B 94 12.05 5.69 -9.59
C PRO B 94 12.44 6.99 -8.90
N GLY B 95 13.65 7.05 -8.40
CA GLY B 95 14.20 8.31 -7.85
C GLY B 95 14.73 8.08 -6.45
N ARG B 96 14.94 9.13 -5.71
CA ARG B 96 15.54 9.00 -4.41
C ARG B 96 14.71 8.04 -3.51
N PRO B 97 15.35 7.42 -2.50
CA PRO B 97 14.64 6.50 -1.61
C PRO B 97 13.69 7.23 -0.70
N ILE B 98 12.40 6.85 -0.76
CA ILE B 98 11.35 7.35 0.10
C ILE B 98 10.64 6.14 0.70
N ASP B 99 10.53 6.10 2.02
CA ASP B 99 9.87 4.98 2.69
C ASP B 99 8.43 5.31 3.01
N ALA B 100 7.66 4.30 3.44
CA ALA B 100 6.26 4.54 3.67
C ALA B 100 5.79 4.19 5.09
N PHE B 101 4.60 4.63 5.37
CA PHE B 101 3.92 4.30 6.60
C PHE B 101 2.42 4.31 6.35
N VAL B 102 1.69 3.75 7.31
CA VAL B 102 0.23 3.70 7.29
C VAL B 102 -0.36 4.09 8.65
N VAL B 103 -1.23 5.11 8.68
CA VAL B 103 -1.95 5.50 9.90
C VAL B 103 -3.24 4.65 9.99
N ARG B 104 -3.33 3.87 11.07
CA ARG B 104 -4.55 3.11 11.33
C ARG B 104 -5.65 4.05 11.81
N LYS B 105 -6.88 3.73 11.48
CA LYS B 105 -8.04 4.43 12.09
C LYS B 105 -8.08 4.24 13.60
N SER B 106 -7.54 3.11 14.09
CA SER B 106 -7.37 2.86 15.54
C SER B 106 -6.44 1.67 15.74
N ALA B 107 -5.84 1.53 16.92
CA ALA B 107 -4.95 0.38 17.24
C ALA B 107 -5.20 -0.19 18.64
N ARG B 114 0.30 -1.02 16.28
CA ARG B 114 0.50 0.38 16.74
C ARG B 114 -0.45 1.30 15.97
N LEU B 115 -0.65 2.57 16.38
CA LEU B 115 -1.39 3.51 15.50
C LEU B 115 -0.72 3.84 14.12
N ILE B 116 0.55 4.18 14.15
CA ILE B 116 1.31 4.32 12.92
C ILE B 116 2.20 3.10 12.69
N GLU B 117 1.98 2.49 11.54
CA GLU B 117 2.61 1.26 11.18
C GLU B 117 3.57 1.55 10.04
N GLY B 118 4.61 0.74 9.93
CA GLY B 118 5.56 0.87 8.82
C GLY B 118 6.84 1.55 9.25
N SER B 119 7.31 2.50 8.44
CA SER B 119 8.60 3.16 8.70
C SER B 119 8.43 4.19 9.82
N GLU B 120 9.53 4.52 10.46
CA GLU B 120 9.59 5.52 11.50
C GLU B 120 9.33 6.92 10.96
N VAL B 121 8.49 7.67 11.66
CA VAL B 121 8.21 9.06 11.35
C VAL B 121 8.70 10.05 12.41
N THR B 122 8.99 9.60 13.65
CA THR B 122 9.45 10.46 14.74
C THR B 122 10.74 11.22 14.35
N GLY B 123 10.74 12.54 14.50
CA GLY B 123 11.87 13.35 14.01
C GLY B 123 12.07 13.41 12.50
N GLN B 124 11.11 12.94 11.70
CA GLN B 124 11.24 12.91 10.24
C GLN B 124 10.39 13.97 9.59
N ARG B 125 10.77 14.35 8.37
CA ARG B 125 9.92 15.18 7.57
C ARG B 125 9.03 14.21 6.79
N VAL B 126 7.75 14.54 6.69
CA VAL B 126 6.73 13.59 6.21
C VAL B 126 5.84 14.23 5.17
N LEU B 127 5.50 13.49 4.12
CA LEU B 127 4.38 13.85 3.24
C LEU B 127 3.14 13.04 3.62
N VAL B 128 2.03 13.73 3.87
CA VAL B 128 0.76 13.02 4.04
C VAL B 128 0.10 13.00 2.68
N VAL B 129 -0.41 11.85 2.30
CA VAL B 129 -1.14 11.73 1.07
C VAL B 129 -2.53 11.12 1.36
N GLU B 130 -3.39 11.29 0.35
CA GLU B 130 -4.76 10.78 0.30
C GLU B 130 -5.09 10.56 -1.20
N ASP B 131 -5.95 9.60 -1.55
CA ASP B 131 -6.38 9.49 -2.95
C ASP B 131 -7.24 10.69 -3.37
N THR B 132 -8.32 10.93 -2.64
CA THR B 132 -9.11 12.15 -2.84
C THR B 132 -9.81 12.53 -1.52
N SER B 133 -9.82 13.81 -1.22
CA SER B 133 -10.48 14.25 0.00
C SER B 133 -11.82 14.88 -0.30
N THR B 134 -12.75 14.65 0.62
CA THR B 134 -14.06 15.21 0.62
C THR B 134 -14.10 16.34 1.66
N THR B 135 -14.08 16.02 2.93
CA THR B 135 -14.06 17.03 3.97
C THR B 135 -12.62 17.44 4.35
N GLY B 136 -11.65 16.55 4.13
CA GLY B 136 -10.34 16.73 4.66
C GLY B 136 -10.09 16.08 6.00
N ASN B 137 -11.13 15.56 6.62
CA ASN B 137 -11.02 14.93 7.92
C ASN B 137 -10.02 13.75 7.93
N SER B 138 -10.02 12.91 6.92
CA SER B 138 -9.11 11.76 6.95
C SER B 138 -7.61 12.16 6.90
N ALA B 139 -7.30 13.11 6.02
CA ALA B 139 -5.95 13.57 5.87
C ALA B 139 -5.49 14.31 7.13
N LEU B 140 -6.36 15.18 7.65
CA LEU B 140 -6.02 15.90 8.89
C LEU B 140 -5.86 14.95 10.08
N THR B 141 -6.62 13.86 10.08
CA THR B 141 -6.45 12.81 11.08
C THR B 141 -5.04 12.16 11.00
N ALA B 142 -4.62 11.82 9.78
CA ALA B 142 -3.27 11.26 9.54
C ALA B 142 -2.19 12.25 9.90
N VAL B 143 -2.37 13.50 9.51
CA VAL B 143 -1.46 14.56 9.87
C VAL B 143 -1.26 14.69 11.38
N HIS B 144 -2.37 14.78 12.11
CA HIS B 144 -2.32 14.93 13.56
C HIS B 144 -1.69 13.73 14.22
N ALA B 145 -1.96 12.55 13.68
CA ALA B 145 -1.39 11.33 14.26
C ALA B 145 0.14 11.36 14.14
N VAL B 146 0.63 11.87 13.01
CA VAL B 146 2.05 11.98 12.76
C VAL B 146 2.75 13.01 13.70
N GLN B 147 2.19 14.22 13.78
CA GLN B 147 2.63 15.26 14.71
C GLN B 147 2.70 14.82 16.16
N ASP B 148 1.68 14.08 16.59
CA ASP B 148 1.61 13.55 17.95
C ASP B 148 2.76 12.61 18.30
N VAL B 149 3.32 11.90 17.31
CA VAL B 149 4.53 11.08 17.55
C VAL B 149 5.81 11.76 17.08
N GLY B 150 5.77 13.07 16.89
CA GLY B 150 6.98 13.86 16.65
C GLY B 150 7.44 13.92 15.22
N GLY B 151 6.53 13.61 14.29
CA GLY B 151 6.86 13.71 12.88
C GLY B 151 6.52 15.11 12.44
N GLU B 152 7.21 15.59 11.42
CA GLU B 152 7.00 16.91 10.86
C GLU B 152 6.35 16.80 9.49
N VAL B 153 5.12 17.29 9.38
CA VAL B 153 4.36 17.19 8.15
C VAL B 153 4.63 18.42 7.30
N VAL B 154 5.20 18.20 6.12
CA VAL B 154 5.58 19.27 5.19
C VAL B 154 4.51 19.62 4.18
N GLY B 155 3.50 18.80 4.07
CA GLY B 155 2.34 19.13 3.25
C GLY B 155 1.44 17.92 3.08
N VAL B 156 0.34 18.15 2.39
CA VAL B 156 -0.57 17.09 2.00
C VAL B 156 -0.71 17.14 0.54
N ALA B 157 -0.64 15.99 -0.10
CA ALA B 157 -0.83 15.89 -1.53
C ALA B 157 -1.90 14.83 -1.84
N THR B 158 -2.78 15.14 -2.78
CA THR B 158 -3.77 14.19 -3.20
C THR B 158 -3.66 13.97 -4.69
N VAL B 159 -4.23 12.85 -5.16
CA VAL B 159 -4.26 12.55 -6.58
C VAL B 159 -5.29 13.40 -7.32
N VAL B 160 -6.49 13.54 -6.72
CA VAL B 160 -7.59 14.28 -7.30
C VAL B 160 -8.24 15.20 -6.28
N ASP B 161 -8.34 16.47 -6.62
CA ASP B 161 -9.11 17.40 -5.84
C ASP B 161 -10.48 17.52 -6.49
N ARG B 162 -11.54 17.59 -5.68
CA ARG B 162 -12.94 17.68 -6.21
C ARG B 162 -13.70 18.94 -5.75
N ALA B 163 -12.96 20.00 -5.46
CA ALA B 163 -13.56 21.30 -5.19
C ALA B 163 -14.62 21.22 -4.08
N THR B 164 -14.28 20.50 -3.05
CA THR B 164 -15.22 20.16 -2.02
C THR B 164 -15.03 20.96 -0.77
N GLY B 165 -13.94 21.73 -0.70
CA GLY B 165 -13.56 22.46 0.51
C GLY B 165 -12.45 21.80 1.33
N ALA B 166 -12.01 20.61 0.93
CA ALA B 166 -10.96 19.87 1.71
C ALA B 166 -9.65 20.65 1.74
N ALA B 167 -9.27 21.18 0.59
CA ALA B 167 -8.02 21.89 0.41
C ALA B 167 -7.96 23.12 1.34
N GLU B 168 -9.06 23.87 1.38
CA GLU B 168 -9.17 24.98 2.33
C GLU B 168 -9.03 24.52 3.80
N ALA B 169 -9.69 23.44 4.18
CA ALA B 169 -9.57 22.98 5.57
C ALA B 169 -8.12 22.62 5.86
N ILE B 170 -7.50 21.90 4.92
CA ILE B 170 -6.06 21.55 5.07
C ILE B 170 -5.27 22.86 5.24
N GLU B 171 -5.36 23.77 4.27
CA GLU B 171 -4.63 25.04 4.33
C GLU B 171 -4.92 25.89 5.57
N ALA B 172 -6.14 25.81 6.12
CA ALA B 172 -6.43 26.57 7.36
C ALA B 172 -5.62 26.17 8.60
N GLU B 173 -4.96 25.01 8.60
CA GLU B 173 -4.03 24.70 9.68
C GLU B 173 -2.57 25.10 9.40
N GLY B 174 -2.37 25.84 8.30
CA GLY B 174 -1.04 26.24 7.89
C GLY B 174 -0.27 25.16 7.11
N LEU B 175 -0.97 24.11 6.68
CA LEU B 175 -0.32 23.09 5.87
C LEU B 175 -0.43 23.45 4.41
N ARG B 176 0.61 23.09 3.67
CA ARG B 176 0.56 23.17 2.24
C ARG B 176 -0.23 21.98 1.69
N TYR B 177 -0.88 22.23 0.55
CA TYR B 177 -1.71 21.27 -0.14
C TYR B 177 -1.47 21.35 -1.63
N ARG B 178 -1.38 20.18 -2.27
CA ARG B 178 -1.28 20.09 -3.73
C ARG B 178 -1.99 18.88 -4.27
N SER B 179 -2.54 19.00 -5.48
CA SER B 179 -3.24 17.89 -6.10
C SER B 179 -2.78 17.75 -7.54
N VAL B 180 -2.86 16.54 -8.07
CA VAL B 180 -2.48 16.30 -9.45
C VAL B 180 -3.60 16.64 -10.44
N LEU B 181 -4.84 16.23 -10.11
CA LEU B 181 -5.95 16.32 -11.02
C LEU B 181 -7.09 17.03 -10.37
N GLY B 182 -7.95 17.61 -11.20
CA GLY B 182 -9.18 18.25 -10.75
C GLY B 182 -10.45 17.69 -11.41
N LEU B 183 -11.56 18.29 -11.02
CA LEU B 183 -12.89 17.91 -11.48
C LEU B 183 -12.94 17.87 -13.00
N ALA B 184 -12.32 18.87 -13.62
CA ALA B 184 -12.28 18.99 -15.06
C ALA B 184 -11.56 17.82 -15.71
N ASP B 185 -10.45 17.37 -15.16
CA ASP B 185 -9.81 16.13 -15.64
C ASP B 185 -10.69 14.86 -15.52
N LEU B 186 -11.75 14.91 -14.72
CA LEU B 186 -12.69 13.79 -14.59
C LEU B 186 -13.96 13.85 -15.46
N GLY B 187 -14.05 14.82 -16.38
CA GLY B 187 -15.29 15.08 -17.14
C GLY B 187 -16.29 15.82 -16.29
C1 PRP C . -0.97 -9.94 11.49
C2 PRP C . -0.33 -10.57 10.25
C3 PRP C . -1.11 -11.88 10.17
C4 PRP C . -1.84 -12.01 11.51
C5 PRP C . -1.69 -13.40 12.10
O1 PRP C . -2.17 -9.23 11.10
O2 PRP C . -0.42 -9.73 9.08
O3 PRP C . -2.02 -11.87 9.05
O4 PRP C . -1.30 -11.02 12.38
O5 PRP C . -2.07 -14.28 11.07
P PRP C . -3.28 -15.32 11.18
O1P PRP C . -4.55 -14.57 10.91
O2P PRP C . -3.14 -15.88 12.58
O3P PRP C . -2.92 -16.26 10.06
PA PRP C . -2.98 -8.44 12.25
O1A PRP C . -1.90 -7.71 13.06
O2A PRP C . -3.90 -9.48 12.89
O3A PRP C . -3.91 -7.33 11.57
PB PRP C . -3.39 -6.10 10.64
O1B PRP C . -4.60 -5.21 10.57
O2B PRP C . -2.98 -6.84 9.36
O3B PRP C . -2.24 -5.50 11.39
C1 PRP D . -13.03 7.70 0.65
C2 PRP D . -11.77 8.09 -0.12
C3 PRP D . -11.09 9.09 0.81
C4 PRP D . -12.16 9.57 1.80
C5 PRP D . -12.44 11.07 1.84
O1 PRP D . -12.80 6.50 1.44
O2 PRP D . -10.91 6.99 -0.41
O3 PRP D . -10.01 8.44 1.50
O4 PRP D . -13.35 8.84 1.46
O5 PRP D . -12.71 11.35 3.21
P PRP D . -12.72 12.77 3.95
O1P PRP D . -11.77 13.70 3.21
O2P PRP D . -12.32 12.34 5.33
O3P PRP D . -14.16 13.28 3.96
PA PRP D . -13.76 5.82 2.60
O1A PRP D . -15.13 5.53 2.02
O2A PRP D . -13.72 6.70 3.84
O3A PRP D . -13.06 4.36 2.91
PB PRP D . -11.72 4.00 3.79
O1B PRP D . -10.52 4.50 3.01
O2B PRP D . -11.87 4.75 5.08
O3B PRP D . -11.79 2.50 3.94
#